data_5FZ7
#
_entry.id   5FZ7
#
_cell.length_a   143.300
_cell.length_b   143.300
_cell.length_c   152.810
_cell.angle_alpha   90.00
_cell.angle_beta   90.00
_cell.angle_gamma   120.00
#
_symmetry.space_group_name_H-M   'P 65 2 2'
#
loop_
_entity.id
_entity.type
_entity.pdbx_description
1 polymer 'LYSINE-SPECIFIC DEMETHYLASE 5B'
2 non-polymer 'ZINC ION'
3 non-polymer 'DIMETHYL SULFOXIDE'
4 non-polymer 'MANGANESE (II) ION'
5 non-polymer 'PHOSPHATE ION'
6 non-polymer 1,2-ETHANEDIOL
7 non-polymer 'CHLORIDE ION'
8 non-polymer "ethyl 5'-amino[2,3'-bithiophene]-4'-carboxylate"
9 water water
#
_entity_poly.entity_id   1
_entity_poly.type   'polypeptide(L)'
_entity_poly.pdbx_seq_one_letter_code
;SMFLPPPECPVFEPSWEEFADPFAFIHKIRPIAEQTGICKVRPPPDWQPPFACDVDKLHFTPRIQRLNELEAQTRVKLGG
GGARDYTLRTFGEMADAFKSDYFNMPVHMVPTELVEKEFWRLVSTIEEDVTVEYGADIASKEFGSGFPVRDGKIKLSPEE
EEYLDSGWNLNNMPVMEQSVLAHITADICGMKLPWLYVGMCFSSFCWHIEDHWSYSINYLHWGEPKTWYGVPGYAAEQLE
NVMKKLAPELFVSQPDLLHQLVTIMNPNTLMTHEVPVYRTNQCAGEFVITFPRAYHSGFNQGFNFAEAVNFCTVDWLPLG
RQCVEHYRLLHRYCVFSHDEMICKMASKADVLDVVVASTVQKDMAIMIEDEKALRETVRKLGVIDSERMDFELLPDDERQ
CVKCKTTCFMSAISCSCKPGLLVCLHHVKELCSCPPYKYKLRYRYTLDDLYPMMNALKLRAESYNEWALNVNEALEAKI
;
_entity_poly.pdbx_strand_id   A
#
loop_
_chem_comp.id
_chem_comp.type
_chem_comp.name
_chem_comp.formula
CL non-polymer 'CHLORIDE ION' 'Cl -1'
DMS non-polymer 'DIMETHYL SULFOXIDE' 'C2 H6 O S'
EDO non-polymer 1,2-ETHANEDIOL 'C2 H6 O2'
MN non-polymer 'MANGANESE (II) ION' 'Mn 2'
PO4 non-polymer 'PHOSPHATE ION' 'O4 P -3'
WGT non-polymer 'ethyl 5'-amino[2,3'-bithiophene]-4'-carboxylate' 'C11 H11 N O2 S2'
ZN non-polymer 'ZINC ION' 'Zn 2'
#
# COMPACT_ATOMS: atom_id res chain seq x y z
N SER A 1 -29.76 -9.22 11.76
CA SER A 1 -30.82 -8.72 10.89
C SER A 1 -30.58 -7.27 10.55
N MET A 2 -30.14 -6.48 11.53
CA MET A 2 -29.57 -5.19 11.19
C MET A 2 -28.17 -5.43 10.62
N PHE A 3 -27.27 -6.06 11.37
CA PHE A 3 -25.94 -6.42 10.83
C PHE A 3 -25.65 -7.91 10.86
N LEU A 4 -25.36 -8.47 9.69
CA LEU A 4 -24.93 -9.86 9.57
C LEU A 4 -23.43 -9.94 9.29
N PRO A 5 -22.65 -10.41 10.28
CA PRO A 5 -21.19 -10.44 10.13
C PRO A 5 -20.72 -11.36 9.00
N PRO A 6 -19.83 -10.86 8.12
CA PRO A 6 -19.23 -11.69 7.06
C PRO A 6 -18.55 -12.91 7.65
N PRO A 7 -18.40 -13.98 6.86
CA PRO A 7 -17.66 -15.15 7.35
C PRO A 7 -16.22 -14.78 7.71
N GLU A 8 -15.61 -15.54 8.63
CA GLU A 8 -14.26 -15.26 9.09
C GLU A 8 -13.19 -15.59 8.05
N CYS A 9 -12.15 -14.75 7.95
CA CYS A 9 -11.03 -15.02 7.05
C CYS A 9 -10.14 -16.13 7.64
N PRO A 10 -9.25 -16.73 6.82
CA PRO A 10 -8.31 -17.76 7.31
C PRO A 10 -7.39 -17.26 8.43
N VAL A 11 -7.06 -18.16 9.37
CA VAL A 11 -6.11 -17.85 10.45
C VAL A 11 -5.00 -18.88 10.42
N PHE A 12 -3.76 -18.41 10.45
CA PHE A 12 -2.60 -19.30 10.40
C PHE A 12 -1.81 -19.25 11.69
N GLU A 13 -1.34 -20.43 12.10
CA GLU A 13 -0.43 -20.58 13.24
C GLU A 13 0.80 -21.38 12.82
N PRO A 14 1.79 -20.70 12.20
CA PRO A 14 2.99 -21.39 11.73
C PRO A 14 3.91 -21.84 12.87
N SER A 15 4.52 -23.02 12.71
CA SER A 15 5.57 -23.48 13.64
C SER A 15 6.78 -22.57 13.56
N TRP A 16 7.72 -22.75 14.50
N TRP A 16 7.72 -22.74 14.49
CA TRP A 16 8.95 -21.97 14.50
CA TRP A 16 8.93 -21.94 14.46
C TRP A 16 9.75 -22.17 13.21
C TRP A 16 9.70 -22.15 13.16
N GLU A 17 9.61 -23.36 12.61
CA GLU A 17 10.29 -23.67 11.35
C GLU A 17 9.69 -22.87 10.19
N GLU A 18 8.35 -22.87 10.09
CA GLU A 18 7.63 -22.15 9.04
C GLU A 18 7.79 -20.64 9.17
N PHE A 19 7.81 -20.18 10.42
CA PHE A 19 7.87 -18.77 10.78
C PHE A 19 9.25 -18.15 10.54
N ALA A 20 10.27 -18.99 10.40
CA ALA A 20 11.63 -18.51 10.23
C ALA A 20 11.77 -17.58 9.03
N ASP A 21 11.23 -17.99 7.88
CA ASP A 21 11.28 -17.16 6.67
C ASP A 21 9.90 -16.65 6.25
N PRO A 22 9.63 -15.35 6.51
CA PRO A 22 8.36 -14.71 6.17
C PRO A 22 7.95 -14.87 4.71
N PHE A 23 8.88 -14.67 3.77
CA PHE A 23 8.53 -14.70 2.35
C PHE A 23 8.19 -16.11 1.86
N ALA A 24 8.88 -17.11 2.41
CA ALA A 24 8.53 -18.49 2.06
C ALA A 24 7.16 -18.86 2.62
N PHE A 25 6.89 -18.42 3.85
CA PHE A 25 5.60 -18.68 4.48
C PHE A 25 4.44 -18.03 3.71
N ILE A 26 4.62 -16.75 3.39
CA ILE A 26 3.61 -16.02 2.63
C ILE A 26 3.33 -16.69 1.30
N HIS A 27 4.39 -17.11 0.61
CA HIS A 27 4.25 -17.84 -0.65
C HIS A 27 3.48 -19.15 -0.43
N LYS A 28 3.71 -19.79 0.71
CA LYS A 28 2.98 -21.03 1.01
C LYS A 28 1.46 -20.81 1.15
N ILE A 29 1.05 -19.83 1.95
CA ILE A 29 -0.38 -19.62 2.21
C ILE A 29 -1.11 -18.94 1.06
N ARG A 30 -0.34 -18.41 0.11
CA ARG A 30 -0.88 -17.61 -0.98
C ARG A 30 -2.09 -18.22 -1.73
N PRO A 31 -2.06 -19.53 -2.03
CA PRO A 31 -3.22 -20.02 -2.78
C PRO A 31 -4.53 -19.98 -1.96
N ILE A 32 -4.43 -20.04 -0.65
CA ILE A 32 -5.59 -19.90 0.24
C ILE A 32 -5.97 -18.43 0.43
N ALA A 33 -5.03 -17.67 0.98
CA ALA A 33 -5.28 -16.30 1.41
C ALA A 33 -5.69 -15.36 0.27
N GLU A 34 -5.23 -15.62 -0.96
CA GLU A 34 -5.54 -14.70 -2.05
C GLU A 34 -7.00 -14.88 -2.49
N GLN A 35 -7.64 -15.96 -2.04
CA GLN A 35 -9.05 -16.20 -2.31
C GLN A 35 -9.94 -15.36 -1.39
N THR A 36 -9.37 -14.89 -0.28
CA THR A 36 -10.12 -14.12 0.69
C THR A 36 -9.61 -12.70 0.85
N GLY A 37 -8.48 -12.38 0.21
CA GLY A 37 -7.96 -11.02 0.25
C GLY A 37 -7.15 -10.66 1.48
N ILE A 38 -7.68 -10.97 2.67
CA ILE A 38 -6.90 -10.81 3.91
C ILE A 38 -6.75 -12.16 4.62
N CYS A 39 -5.81 -12.23 5.54
CA CYS A 39 -5.66 -13.41 6.39
C CYS A 39 -4.96 -12.95 7.66
N LYS A 40 -5.02 -13.76 8.69
CA LYS A 40 -4.43 -13.41 9.97
C LYS A 40 -3.31 -14.38 10.30
N VAL A 41 -2.23 -13.90 10.90
CA VAL A 41 -1.13 -14.78 11.27
C VAL A 41 -0.81 -14.69 12.75
N ARG A 42 -0.87 -15.82 13.43
CA ARG A 42 -0.49 -15.90 14.84
C ARG A 42 0.93 -16.42 14.98
N PRO A 43 1.83 -15.58 15.52
CA PRO A 43 3.21 -16.01 15.71
C PRO A 43 3.30 -17.16 16.72
N PRO A 44 4.41 -17.93 16.69
CA PRO A 44 4.70 -18.88 17.77
C PRO A 44 4.74 -18.16 19.12
N PRO A 45 4.32 -18.86 20.20
CA PRO A 45 4.12 -18.32 21.55
C PRO A 45 5.36 -17.64 22.14
N ASP A 46 6.53 -18.18 21.78
CA ASP A 46 7.85 -17.67 22.15
C ASP A 46 8.03 -16.24 21.68
N TRP A 47 7.85 -16.08 20.37
CA TRP A 47 8.02 -14.81 19.65
C TRP A 47 7.19 -13.71 20.30
N GLN A 48 7.87 -12.86 21.08
CA GLN A 48 7.22 -11.75 21.75
C GLN A 48 8.20 -10.61 21.84
N PRO A 49 8.24 -9.77 20.80
CA PRO A 49 9.11 -8.59 20.74
C PRO A 49 8.80 -7.68 21.89
N PRO A 50 9.85 -7.07 22.46
CA PRO A 50 9.68 -6.21 23.63
C PRO A 50 9.14 -4.86 23.23
N PHE A 51 7.88 -4.57 23.57
CA PHE A 51 7.42 -3.21 23.41
C PHE A 51 7.75 -2.40 24.66
N ALA A 52 8.50 -1.32 24.45
CA ALA A 52 8.85 -0.42 25.55
C ALA A 52 8.89 1.01 25.05
N CYS A 53 8.21 1.88 25.80
CA CYS A 53 8.15 3.31 25.48
C CYS A 53 7.67 4.10 26.69
N ASP A 54 8.05 5.39 26.71
CA ASP A 54 7.52 6.33 27.68
C ASP A 54 6.28 7.03 27.09
N VAL A 55 5.16 6.90 27.79
CA VAL A 55 3.90 7.42 27.31
C VAL A 55 3.82 8.95 27.36
N ASP A 56 4.72 9.59 28.11
CA ASP A 56 4.69 11.04 28.30
C ASP A 56 5.57 11.81 27.30
N LYS A 57 6.51 11.13 26.66
CA LYS A 57 7.47 11.80 25.78
C LYS A 57 7.16 11.58 24.30
N LEU A 58 6.28 10.64 24.02
CA LEU A 58 5.78 10.45 22.67
C LEU A 58 4.63 11.43 22.39
N HIS A 59 4.85 12.43 21.52
CA HIS A 59 3.85 13.41 21.09
CA HIS A 59 3.73 13.28 21.13
C HIS A 59 3.41 13.14 19.64
N PHE A 60 2.18 13.50 19.28
CA PHE A 60 1.74 13.50 17.87
C PHE A 60 0.55 14.43 17.64
N THR A 61 0.37 14.84 16.39
CA THR A 61 -0.73 15.73 16.03
C THR A 61 -1.92 14.86 15.61
N PRO A 62 -3.07 15.02 16.29
CA PRO A 62 -4.25 14.18 16.02
C PRO A 62 -4.98 14.54 14.73
N ARG A 63 -5.46 13.54 14.00
CA ARG A 63 -6.38 13.73 12.89
C ARG A 63 -7.83 13.52 13.37
N ILE A 64 -8.77 14.25 12.78
CA ILE A 64 -10.17 14.21 13.21
C ILE A 64 -11.04 13.59 12.13
N GLN A 65 -12.10 12.90 12.55
CA GLN A 65 -12.83 12.06 11.63
C GLN A 65 -14.31 12.02 11.94
N ARG A 66 -15.14 12.34 10.94
CA ARG A 66 -16.60 12.16 11.02
C ARG A 66 -16.99 10.75 10.57
N LEU A 67 -18.03 10.22 11.19
CA LEU A 67 -18.38 8.82 10.91
C LEU A 67 -19.71 8.69 10.16
N ASN A 68 -19.69 8.95 8.85
CA ASN A 68 -20.88 8.82 8.00
C ASN A 68 -20.69 7.91 6.80
N GLU A 69 -21.53 6.89 6.69
CA GLU A 69 -21.48 5.99 5.55
C GLU A 69 -21.64 6.73 4.22
N LEU A 70 -20.84 6.33 3.22
CA LEU A 70 -20.85 6.88 1.86
C LEU A 70 -20.36 8.33 1.75
N GLU A 71 -19.98 8.93 2.86
CA GLU A 71 -19.42 10.28 2.88
C GLU A 71 -17.93 10.26 2.51
N ALA A 72 -17.53 11.19 1.65
CA ALA A 72 -16.15 11.26 1.17
C ALA A 72 -15.17 11.64 2.27
N GLN A 73 -14.03 10.95 2.30
CA GLN A 73 -12.90 11.35 3.14
C GLN A 73 -11.64 11.32 2.25
N THR A 74 -10.62 12.07 2.63
CA THR A 74 -9.40 12.11 1.84
C THR A 74 -8.30 11.27 2.51
N ARG A 75 -7.53 10.51 1.72
CA ARG A 75 -6.39 9.73 2.24
C ARG A 75 -5.40 10.64 2.98
N VAL A 76 -4.81 10.13 4.05
CA VAL A 76 -4.07 10.99 4.98
C VAL A 76 -2.72 11.50 4.44
N LYS A 77 -2.28 12.63 4.98
CA LYS A 77 -1.02 13.26 4.61
C LYS A 77 0.12 12.84 5.54
N ALA A 83 -1.04 21.58 14.25
CA ALA A 83 -2.30 21.95 14.91
C ALA A 83 -2.25 21.71 16.43
N ARG A 84 -3.05 20.75 16.89
CA ARG A 84 -3.16 20.41 18.32
C ARG A 84 -2.10 19.37 18.71
N ASP A 85 -2.14 18.88 19.95
CA ASP A 85 -1.10 17.94 20.38
C ASP A 85 -1.51 17.01 21.52
N TYR A 86 -1.30 15.72 21.32
CA TYR A 86 -1.52 14.72 22.36
C TYR A 86 -0.20 14.04 22.71
N THR A 87 0.00 13.68 23.98
CA THR A 87 0.99 12.64 24.26
C THR A 87 0.25 11.30 24.19
N LEU A 88 0.99 10.21 24.11
CA LEU A 88 0.36 8.90 24.13
C LEU A 88 -0.50 8.74 25.41
N ARG A 89 -0.06 9.29 26.54
CA ARG A 89 -0.86 9.20 27.76
C ARG A 89 -2.15 10.03 27.68
N THR A 90 -2.06 11.29 27.24
CA THR A 90 -3.27 12.14 27.23
C THR A 90 -4.28 11.61 26.20
N PHE A 91 -3.78 11.05 25.08
CA PHE A 91 -4.67 10.46 24.10
C PHE A 91 -5.36 9.23 24.67
N GLY A 92 -4.59 8.39 25.37
CA GLY A 92 -5.13 7.21 26.01
C GLY A 92 -6.22 7.54 27.02
N GLU A 93 -6.01 8.58 27.80
CA GLU A 93 -7.00 9.03 28.78
C GLU A 93 -8.30 9.49 28.08
N MET A 94 -8.16 10.22 26.98
CA MET A 94 -9.29 10.71 26.21
C MET A 94 -10.05 9.53 25.62
N ALA A 95 -9.31 8.58 25.06
CA ALA A 95 -9.91 7.45 24.36
C ALA A 95 -10.72 6.52 25.29
N ASP A 96 -10.21 6.30 26.50
CA ASP A 96 -10.82 5.37 27.46
C ASP A 96 -12.07 6.00 28.09
N ALA A 97 -11.97 7.27 28.42
CA ALA A 97 -13.11 8.06 28.87
C ALA A 97 -14.23 8.08 27.81
N PHE A 98 -13.86 8.27 26.54
CA PHE A 98 -14.86 8.28 25.47
C PHE A 98 -15.62 6.96 25.38
N LYS A 99 -14.90 5.85 25.30
CA LYS A 99 -15.55 4.55 25.20
C LYS A 99 -16.41 4.27 26.44
N SER A 100 -15.85 4.60 27.60
CA SER A 100 -16.49 4.32 28.89
C SER A 100 -17.82 5.07 29.02
N ASP A 101 -17.82 6.35 28.65
CA ASP A 101 -19.03 7.18 28.67
C ASP A 101 -20.03 6.83 27.59
N TYR A 102 -19.57 6.31 26.45
CA TYR A 102 -20.45 5.95 25.34
C TYR A 102 -21.32 4.76 25.72
N PHE A 103 -20.74 3.80 26.42
CA PHE A 103 -21.50 2.60 26.75
C PHE A 103 -21.94 2.53 28.22
N ASN A 104 -21.50 3.51 29.03
CA ASN A 104 -21.66 3.47 30.50
C ASN A 104 -21.22 2.12 31.09
N MET A 105 -20.05 1.66 30.64
CA MET A 105 -19.48 0.38 31.08
C MET A 105 -17.97 0.49 31.22
N PRO A 106 -17.34 -0.40 32.01
CA PRO A 106 -15.87 -0.52 31.89
C PRO A 106 -15.48 -1.07 30.49
N VAL A 107 -14.40 -0.57 29.89
CA VAL A 107 -14.06 -0.88 28.48
C VAL A 107 -13.90 -2.38 28.11
N HIS A 108 -13.42 -3.16 29.07
CA HIS A 108 -13.11 -4.57 28.87
C HIS A 108 -14.33 -5.45 28.95
N MET A 109 -15.46 -4.83 29.25
CA MET A 109 -16.67 -5.57 29.44
C MET A 109 -17.57 -5.32 28.27
N VAL A 110 -17.23 -4.33 27.45
CA VAL A 110 -17.94 -4.11 26.20
C VAL A 110 -17.55 -5.16 25.18
N PRO A 111 -18.46 -6.08 24.88
CA PRO A 111 -18.22 -7.17 23.92
C PRO A 111 -17.91 -6.66 22.50
N THR A 112 -17.07 -7.38 21.75
CA THR A 112 -16.61 -6.86 20.45
C THR A 112 -17.75 -6.95 19.43
N GLU A 113 -18.62 -7.94 19.59
N GLU A 113 -18.59 -7.96 19.60
CA GLU A 113 -19.76 -8.08 18.70
CA GLU A 113 -19.80 -8.14 18.80
C GLU A 113 -20.74 -6.92 18.86
C GLU A 113 -20.69 -6.90 18.85
N LEU A 114 -20.75 -6.29 20.02
CA LEU A 114 -21.64 -5.15 20.26
C LEU A 114 -21.08 -3.86 19.65
N VAL A 115 -19.78 -3.66 19.82
CA VAL A 115 -19.11 -2.51 19.21
C VAL A 115 -19.24 -2.54 17.68
N GLU A 116 -19.12 -3.72 17.09
CA GLU A 116 -19.29 -3.88 15.65
C GLU A 116 -20.71 -3.50 15.19
N LYS A 117 -21.72 -4.08 15.85
CA LYS A 117 -23.13 -3.75 15.60
C LYS A 117 -23.39 -2.27 15.74
N GLU A 118 -22.83 -1.70 16.79
CA GLU A 118 -23.03 -0.29 17.08
C GLU A 118 -22.29 0.62 16.10
N PHE A 119 -21.14 0.18 15.61
CA PHE A 119 -20.41 0.99 14.62
C PHE A 119 -21.28 1.16 13.38
N TRP A 120 -21.77 0.04 12.85
CA TRP A 120 -22.57 0.09 11.61
C TRP A 120 -23.92 0.79 11.82
N ARG A 121 -24.48 0.75 13.03
CA ARG A 121 -25.68 1.54 13.31
C ARG A 121 -25.34 3.03 13.27
N LEU A 122 -24.28 3.45 13.97
CA LEU A 122 -24.05 4.89 14.06
C LEU A 122 -23.60 5.57 12.76
N VAL A 123 -22.95 4.83 11.85
CA VAL A 123 -22.48 5.44 10.61
C VAL A 123 -23.61 5.59 9.59
N SER A 124 -24.68 4.82 9.77
CA SER A 124 -25.82 4.85 8.86
C SER A 124 -26.82 5.95 9.25
N THR A 125 -26.91 6.23 10.55
CA THR A 125 -27.86 7.20 11.09
C THR A 125 -27.41 8.65 10.91
N ILE A 126 -28.11 9.40 10.06
CA ILE A 126 -27.74 10.78 9.78
C ILE A 126 -27.84 11.66 11.04
N GLU A 127 -28.72 11.25 11.95
CA GLU A 127 -29.05 12.04 13.14
C GLU A 127 -27.94 12.07 14.18
N GLU A 128 -27.09 11.04 14.18
CA GLU A 128 -25.92 11.02 15.05
C GLU A 128 -24.76 11.70 14.35
N ASP A 129 -24.05 12.58 15.04
CA ASP A 129 -22.84 13.17 14.46
C ASP A 129 -21.61 12.93 15.36
N VAL A 130 -21.27 11.67 15.53
CA VAL A 130 -20.08 11.27 16.30
C VAL A 130 -18.79 11.60 15.54
N THR A 131 -17.88 12.35 16.16
CA THR A 131 -16.54 12.48 15.58
C THR A 131 -15.48 11.89 16.53
N VAL A 132 -14.43 11.33 15.96
CA VAL A 132 -13.35 10.74 16.75
C VAL A 132 -11.98 11.21 16.24
N GLU A 133 -10.94 10.99 17.05
CA GLU A 133 -9.57 11.35 16.67
C GLU A 133 -8.65 10.14 16.64
N TYR A 134 -7.52 10.28 15.95
CA TYR A 134 -6.55 9.20 15.85
C TYR A 134 -5.19 9.72 15.39
N GLY A 135 -4.19 8.84 15.44
N GLY A 135 -4.18 8.85 15.48
CA GLY A 135 -2.86 9.19 14.98
CA GLY A 135 -2.86 9.18 14.98
C GLY A 135 -2.41 8.32 13.82
C GLY A 135 -2.51 8.33 13.77
N ALA A 136 -1.92 8.95 12.77
CA ALA A 136 -1.38 8.23 11.62
C ALA A 136 -0.19 8.99 11.04
N ASP A 137 1.00 8.40 11.10
CA ASP A 137 2.22 8.98 10.52
C ASP A 137 3.32 7.96 10.35
N ILE A 138 4.29 8.26 9.49
CA ILE A 138 5.49 7.43 9.42
C ILE A 138 6.35 7.72 10.66
N ALA A 139 7.25 6.80 10.97
CA ALA A 139 8.11 6.97 12.13
C ALA A 139 8.97 8.23 12.04
N SER A 140 9.19 8.87 13.20
CA SER A 140 10.04 10.06 13.30
C SER A 140 10.67 10.21 14.69
N LYS A 141 11.35 11.34 14.91
CA LYS A 141 12.04 11.61 16.18
C LYS A 141 11.10 11.78 17.37
N GLU A 142 9.95 12.42 17.13
CA GLU A 142 8.98 12.64 18.20
C GLU A 142 8.16 11.37 18.48
N PHE A 143 8.07 10.51 17.47
CA PHE A 143 7.30 9.27 17.59
C PHE A 143 7.83 8.18 16.63
N GLY A 144 8.44 7.14 17.20
CA GLY A 144 9.18 6.17 16.40
C GLY A 144 8.63 4.75 16.43
N SER A 145 9.26 3.88 15.66
CA SER A 145 8.82 2.50 15.52
C SER A 145 8.57 1.80 16.86
N GLY A 146 7.58 0.92 16.89
CA GLY A 146 7.32 0.12 18.07
C GLY A 146 8.26 -1.07 18.13
N PHE A 147 8.92 -1.37 17.01
CA PHE A 147 9.94 -2.42 16.98
C PHE A 147 11.31 -1.86 17.33
N PRO A 148 12.22 -2.69 17.86
CA PRO A 148 13.60 -2.28 18.12
C PRO A 148 14.34 -1.82 16.86
N VAL A 149 15.09 -0.72 16.99
CA VAL A 149 15.95 -0.21 15.92
C VAL A 149 17.33 0.18 16.46
N ARG A 150 18.30 0.36 15.59
CA ARG A 150 19.68 0.63 16.04
C ARG A 150 19.95 2.09 16.40
N ASP A 151 20.67 2.27 17.50
CA ASP A 151 21.07 3.58 18.03
C ASP A 151 22.28 3.44 18.94
N ILE A 154 21.94 4.88 22.11
CA ILE A 154 21.16 4.10 23.08
C ILE A 154 21.50 2.61 22.97
N LYS A 155 21.79 2.00 24.11
CA LYS A 155 22.18 0.58 24.19
C LYS A 155 20.98 -0.34 24.38
N LEU A 156 21.07 -1.53 23.80
CA LEU A 156 19.95 -2.47 23.76
C LEU A 156 20.16 -3.70 24.66
N SER A 157 19.06 -4.23 25.18
CA SER A 157 19.07 -5.43 26.02
C SER A 157 19.08 -6.70 25.16
N PRO A 158 19.73 -7.78 25.63
CA PRO A 158 19.89 -9.04 24.87
C PRO A 158 18.62 -9.55 24.17
N GLU A 159 17.44 -9.22 24.68
CA GLU A 159 16.20 -9.65 24.03
C GLU A 159 15.88 -8.81 22.80
N GLU A 160 16.00 -7.50 22.92
CA GLU A 160 15.73 -6.60 21.79
C GLU A 160 16.61 -6.89 20.60
N GLU A 161 17.85 -7.32 20.84
CA GLU A 161 18.76 -7.58 19.73
C GLU A 161 18.42 -8.91 19.05
N GLU A 162 17.84 -9.85 19.77
CA GLU A 162 17.22 -11.03 19.13
C GLU A 162 16.25 -10.62 18.01
N TYR A 163 15.41 -9.63 18.30
CA TYR A 163 14.33 -9.23 17.40
C TYR A 163 14.77 -8.11 16.43
N LEU A 164 16.01 -7.66 16.55
CA LEU A 164 16.52 -6.60 15.69
C LEU A 164 16.54 -6.98 14.21
N ASP A 165 16.81 -8.26 13.94
CA ASP A 165 17.03 -8.66 12.57
C ASP A 165 15.96 -9.65 12.12
N SER A 166 14.88 -9.74 12.88
CA SER A 166 13.75 -10.57 12.45
C SER A 166 13.20 -10.09 11.12
N GLY A 167 12.72 -11.01 10.30
CA GLY A 167 12.01 -10.65 9.09
C GLY A 167 10.67 -10.01 9.41
N TRP A 168 10.07 -10.44 10.52
CA TRP A 168 8.78 -9.92 10.96
C TRP A 168 8.89 -8.61 11.71
N ASN A 169 10.12 -8.15 11.98
CA ASN A 169 10.33 -6.77 12.37
C ASN A 169 10.05 -5.92 11.13
N LEU A 170 8.98 -5.12 11.17
CA LEU A 170 8.50 -4.47 9.95
C LEU A 170 9.44 -3.37 9.41
N ASN A 171 10.38 -2.91 10.23
CA ASN A 171 11.42 -2.01 9.74
C ASN A 171 12.35 -2.63 8.72
N ASN A 172 12.40 -3.95 8.68
CA ASN A 172 13.34 -4.67 7.84
C ASN A 172 12.86 -4.98 6.41
N MET A 173 11.55 -4.96 6.15
CA MET A 173 11.08 -5.33 4.79
C MET A 173 11.29 -4.25 3.70
N PRO A 174 11.34 -2.95 4.07
CA PRO A 174 11.86 -1.92 3.16
C PRO A 174 13.27 -2.18 2.57
N VAL A 175 14.09 -2.96 3.29
CA VAL A 175 15.45 -3.26 2.84
C VAL A 175 15.71 -4.75 2.67
N MET A 176 14.69 -5.58 2.88
CA MET A 176 14.87 -7.01 2.69
C MET A 176 14.87 -7.34 1.20
N GLU A 177 15.63 -8.37 0.82
CA GLU A 177 15.98 -8.60 -0.57
C GLU A 177 14.86 -9.21 -1.43
N GLN A 178 14.07 -10.13 -0.87
CA GLN A 178 12.96 -10.70 -1.61
C GLN A 178 11.85 -9.67 -1.89
N SER A 179 11.97 -8.47 -1.30
CA SER A 179 11.10 -7.33 -1.62
C SER A 179 11.73 -6.44 -2.68
N VAL A 180 11.18 -6.47 -3.88
CA VAL A 180 11.74 -5.75 -5.01
C VAL A 180 11.69 -4.23 -4.78
N LEU A 181 10.86 -3.77 -3.85
CA LEU A 181 10.88 -2.36 -3.39
C LEU A 181 12.16 -1.92 -2.70
N ALA A 182 12.96 -2.87 -2.23
CA ALA A 182 14.21 -2.57 -1.54
C ALA A 182 15.20 -1.90 -2.47
N HIS A 183 15.19 -2.32 -3.73
CA HIS A 183 16.18 -1.89 -4.69
C HIS A 183 15.91 -0.49 -5.24
N ILE A 184 14.66 -0.04 -5.10
CA ILE A 184 14.30 1.31 -5.55
C ILE A 184 15.21 2.37 -4.92
N THR A 185 15.88 3.12 -5.79
CA THR A 185 16.82 4.14 -5.36
C THR A 185 16.06 5.37 -4.87
N ALA A 186 14.99 5.76 -5.57
CA ALA A 186 14.19 6.92 -5.19
C ALA A 186 13.64 6.78 -3.77
N ASP A 187 13.67 7.89 -3.03
CA ASP A 187 13.06 7.95 -1.72
C ASP A 187 11.57 8.11 -1.91
N ILE A 188 10.84 7.05 -1.56
CA ILE A 188 9.39 7.04 -1.64
C ILE A 188 8.88 6.74 -0.23
N CYS A 189 9.24 7.63 0.69
CA CYS A 189 9.05 7.45 2.12
C CYS A 189 7.67 6.94 2.51
N GLY A 190 6.63 7.56 1.94
CA GLY A 190 5.25 7.17 2.22
C GLY A 190 4.97 5.71 1.98
N MET A 191 5.72 5.10 1.06
CA MET A 191 5.44 3.73 0.65
C MET A 191 6.32 2.64 1.25
N LYS A 192 7.62 2.89 1.42
CA LYS A 192 8.48 1.81 1.91
C LYS A 192 8.82 1.91 3.41
N LEU A 193 8.51 3.03 4.05
CA LEU A 193 8.69 3.16 5.50
C LEU A 193 7.41 2.73 6.23
N PRO A 194 7.56 2.20 7.46
CA PRO A 194 6.39 1.81 8.25
C PRO A 194 5.54 3.00 8.73
N TRP A 195 4.22 2.83 8.70
CA TRP A 195 3.30 3.80 9.30
C TRP A 195 2.90 3.34 10.70
N LEU A 196 2.71 4.32 11.57
CA LEU A 196 2.28 4.08 12.95
C LEU A 196 0.83 4.55 13.17
N TYR A 197 -0.01 3.69 13.75
CA TYR A 197 -1.43 4.05 13.93
C TYR A 197 -1.92 3.97 15.39
N VAL A 198 -2.27 5.11 15.97
CA VAL A 198 -2.85 5.16 17.31
C VAL A 198 -4.39 5.21 17.24
N GLY A 199 -5.07 4.13 17.63
CA GLY A 199 -6.53 4.07 17.56
C GLY A 199 -7.31 4.39 18.84
N MET A 200 -8.56 4.82 18.66
CA MET A 200 -9.57 4.86 19.74
C MET A 200 -10.85 4.18 19.24
N CYS A 201 -11.83 3.97 20.12
CA CYS A 201 -13.07 3.27 19.76
C CYS A 201 -13.77 3.97 18.59
N PHE A 202 -14.08 3.20 17.54
CA PHE A 202 -14.76 3.66 16.29
C PHE A 202 -13.87 4.38 15.26
N SER A 203 -12.63 4.72 15.60
CA SER A 203 -11.73 5.32 14.59
C SER A 203 -11.61 4.27 13.49
N SER A 204 -11.63 4.71 12.25
N SER A 204 -11.62 4.74 12.24
CA SER A 204 -11.77 3.74 11.17
CA SER A 204 -11.88 3.85 11.12
C SER A 204 -10.95 4.09 9.94
C SER A 204 -10.97 4.11 9.91
N PHE A 205 -10.61 3.07 9.17
CA PHE A 205 -9.91 3.28 7.91
C PHE A 205 -10.86 2.87 6.78
N CYS A 206 -11.04 3.76 5.80
CA CYS A 206 -12.00 3.54 4.70
C CYS A 206 -11.55 2.45 3.74
N TRP A 207 -12.48 1.99 2.92
CA TRP A 207 -12.15 1.01 1.85
C TRP A 207 -11.04 1.52 0.92
N HIS A 208 -10.02 0.71 0.71
CA HIS A 208 -8.90 1.08 -0.17
C HIS A 208 -8.08 -0.16 -0.57
N ILE A 209 -7.28 0.01 -1.63
CA ILE A 209 -6.19 -0.92 -1.96
C ILE A 209 -4.85 -0.16 -1.86
N GLU A 210 -3.73 -0.88 -1.84
CA GLU A 210 -2.43 -0.22 -1.67
C GLU A 210 -1.93 0.37 -2.98
N ASP A 211 -1.11 1.41 -2.90
CA ASP A 211 -0.43 1.97 -4.05
C ASP A 211 0.30 0.87 -4.85
N HIS A 212 0.14 0.90 -6.18
CA HIS A 212 0.74 -0.08 -7.11
C HIS A 212 0.30 -1.53 -6.85
N TRP A 213 -0.83 -1.69 -6.16
CA TRP A 213 -1.40 -3.00 -5.84
C TRP A 213 -0.42 -3.87 -5.07
N SER A 214 0.35 -3.25 -4.18
CA SER A 214 1.28 -4.03 -3.34
C SER A 214 0.59 -4.85 -2.24
N TYR A 215 1.35 -5.77 -1.65
CA TYR A 215 0.99 -6.41 -0.38
C TYR A 215 1.07 -5.38 0.75
N SER A 216 0.45 -5.68 1.88
CA SER A 216 0.78 -4.96 3.11
C SER A 216 0.71 -5.92 4.30
N ILE A 217 1.28 -5.52 5.42
CA ILE A 217 1.29 -6.36 6.59
C ILE A 217 1.18 -5.41 7.78
N ASN A 218 0.28 -5.75 8.72
N ASN A 218 0.37 -5.82 8.76
CA ASN A 218 -0.07 -4.90 9.85
CA ASN A 218 -0.04 -4.94 9.84
C ASN A 218 0.16 -5.65 11.15
C ASN A 218 0.11 -5.64 11.19
N TYR A 219 0.86 -5.03 12.09
CA TYR A 219 1.09 -5.63 13.40
C TYR A 219 0.48 -4.79 14.49
N LEU A 220 -0.36 -5.43 15.30
CA LEU A 220 -0.94 -4.77 16.47
C LEU A 220 -0.03 -4.96 17.68
N HIS A 221 0.61 -3.90 18.13
CA HIS A 221 1.57 -4.02 19.24
C HIS A 221 0.89 -4.32 20.58
N TRP A 222 -0.12 -3.52 20.92
CA TRP A 222 -0.90 -3.69 22.15
C TRP A 222 -2.25 -2.96 22.09
N GLY A 223 -3.12 -3.26 23.07
CA GLY A 223 -4.39 -2.56 23.24
C GLY A 223 -5.56 -3.37 22.76
N GLU A 224 -6.71 -2.72 22.58
CA GLU A 224 -7.94 -3.44 22.22
C GLU A 224 -7.91 -3.81 20.73
N PRO A 225 -8.75 -4.78 20.34
CA PRO A 225 -8.64 -5.32 18.98
C PRO A 225 -8.98 -4.32 17.84
N LYS A 226 -8.59 -4.74 16.63
CA LYS A 226 -8.83 -4.03 15.38
C LYS A 226 -9.68 -4.94 14.52
N THR A 227 -10.83 -4.44 14.07
CA THR A 227 -11.74 -5.24 13.28
C THR A 227 -11.55 -4.96 11.78
N TRP A 228 -11.47 -6.01 10.96
CA TRP A 228 -11.10 -5.92 9.54
C TRP A 228 -12.18 -6.48 8.64
N TYR A 229 -12.36 -5.84 7.47
CA TYR A 229 -13.13 -6.46 6.38
C TYR A 229 -12.24 -6.49 5.15
N GLY A 230 -12.25 -7.60 4.41
CA GLY A 230 -11.41 -7.77 3.24
C GLY A 230 -12.12 -8.45 2.09
N VAL A 231 -11.73 -8.08 0.86
CA VAL A 231 -12.30 -8.60 -0.39
C VAL A 231 -11.15 -9.15 -1.28
N PRO A 232 -11.32 -10.35 -1.88
CA PRO A 232 -10.19 -10.85 -2.67
C PRO A 232 -9.91 -9.99 -3.93
N GLY A 233 -8.67 -10.05 -4.43
CA GLY A 233 -8.27 -9.26 -5.59
C GLY A 233 -9.06 -9.50 -6.86
N TYR A 234 -9.56 -10.71 -7.05
CA TYR A 234 -10.32 -11.00 -8.27
C TYR A 234 -11.66 -10.25 -8.31
N ALA A 235 -12.10 -9.70 -7.18
CA ALA A 235 -13.40 -9.03 -7.13
C ALA A 235 -13.26 -7.52 -7.00
N ALA A 236 -12.05 -7.01 -7.17
CA ALA A 236 -11.79 -5.57 -7.04
C ALA A 236 -12.75 -4.73 -7.90
N GLU A 237 -12.98 -5.14 -9.14
CA GLU A 237 -13.78 -4.30 -10.04
C GLU A 237 -15.30 -4.46 -9.80
N GLN A 238 -15.75 -5.63 -9.34
CA GLN A 238 -17.12 -5.74 -8.83
C GLN A 238 -17.35 -4.70 -7.74
N LEU A 239 -16.44 -4.63 -6.77
CA LEU A 239 -16.59 -3.71 -5.65
C LEU A 239 -16.64 -2.27 -6.12
N GLU A 240 -15.80 -1.95 -7.10
CA GLU A 240 -15.74 -0.58 -7.60
C GLU A 240 -17.03 -0.18 -8.33
N ASN A 241 -17.65 -1.12 -9.03
CA ASN A 241 -18.91 -0.82 -9.73
C ASN A 241 -20.05 -0.59 -8.73
N VAL A 242 -20.09 -1.37 -7.66
CA VAL A 242 -21.04 -1.12 -6.57
C VAL A 242 -20.82 0.26 -5.96
N MET A 243 -19.56 0.61 -5.70
CA MET A 243 -19.22 1.92 -5.14
C MET A 243 -19.58 3.05 -6.09
N LYS A 244 -19.36 2.85 -7.38
CA LYS A 244 -19.65 3.86 -8.36
C LYS A 244 -21.17 4.15 -8.42
N LYS A 245 -21.98 3.12 -8.31
CA LYS A 245 -23.43 3.32 -8.35
C LYS A 245 -23.94 4.05 -7.10
N LEU A 246 -23.45 3.68 -5.93
CA LEU A 246 -23.97 4.23 -4.67
C LEU A 246 -23.29 5.52 -4.20
N ALA A 247 -22.11 5.82 -4.74
CA ALA A 247 -21.43 7.08 -4.37
C ALA A 247 -20.50 7.61 -5.46
N PRO A 248 -21.07 8.10 -6.57
CA PRO A 248 -20.31 8.52 -7.77
C PRO A 248 -19.37 9.72 -7.56
N GLU A 249 -19.60 10.51 -6.52
CA GLU A 249 -18.73 11.66 -6.21
C GLU A 249 -17.29 11.24 -5.95
N LEU A 250 -17.11 10.06 -5.37
CA LEU A 250 -15.79 9.52 -5.05
C LEU A 250 -14.93 9.28 -6.30
N PHE A 251 -15.55 9.39 -7.47
CA PHE A 251 -14.91 8.96 -8.70
C PHE A 251 -14.56 10.11 -9.67
N VAL A 252 -14.96 11.33 -9.33
CA VAL A 252 -14.53 12.50 -10.09
C VAL A 252 -13.00 12.60 -10.04
N SER A 253 -12.38 12.95 -11.17
CA SER A 253 -10.92 12.86 -11.32
C SER A 253 -10.14 13.63 -10.26
N GLN A 254 -9.25 12.93 -9.59
CA GLN A 254 -8.44 13.51 -8.53
C GLN A 254 -7.38 14.40 -9.14
N PRO A 255 -7.21 15.62 -8.59
CA PRO A 255 -6.15 16.51 -9.08
C PRO A 255 -4.74 15.99 -8.76
N ASP A 256 -4.52 15.54 -7.51
CA ASP A 256 -3.27 14.87 -7.08
C ASP A 256 -3.47 13.45 -6.52
N LEU A 257 -2.38 12.85 -6.05
CA LEU A 257 -2.45 11.59 -5.30
C LEU A 257 -2.52 11.89 -3.80
N LEU A 258 -2.61 13.17 -3.49
CA LEU A 258 -2.92 13.62 -2.13
C LEU A 258 -4.36 14.15 -2.10
N HIS A 259 -5.16 13.70 -3.06
CA HIS A 259 -6.54 14.13 -3.18
C HIS A 259 -7.45 12.96 -3.54
N GLN A 260 -6.99 11.75 -3.24
CA GLN A 260 -7.78 10.55 -3.47
C GLN A 260 -8.93 10.47 -2.47
N LEU A 261 -10.12 10.14 -2.95
CA LEU A 261 -11.29 10.10 -2.07
C LEU A 261 -11.69 8.66 -1.75
N VAL A 262 -12.03 8.42 -0.48
CA VAL A 262 -12.40 7.09 -0.02
C VAL A 262 -13.60 7.17 0.92
N THR A 263 -14.23 6.04 1.23
CA THR A 263 -15.40 6.05 2.10
C THR A 263 -15.63 4.81 2.97
N ILE A 264 -16.45 4.98 4.00
CA ILE A 264 -17.02 3.90 4.79
C ILE A 264 -18.22 3.28 4.07
N MET A 265 -18.29 1.96 4.01
CA MET A 265 -19.46 1.31 3.42
C MET A 265 -19.71 -0.07 4.03
N ASN A 266 -20.96 -0.30 4.44
CA ASN A 266 -21.37 -1.54 5.09
C ASN A 266 -21.07 -2.76 4.23
N PRO A 267 -20.33 -3.74 4.78
CA PRO A 267 -20.02 -4.95 4.02
C PRO A 267 -21.28 -5.73 3.59
N ASN A 268 -22.39 -5.60 4.33
CA ASN A 268 -23.63 -6.29 3.93
C ASN A 268 -24.15 -5.73 2.60
N THR A 269 -23.94 -4.44 2.38
CA THR A 269 -24.29 -3.83 1.10
C THR A 269 -23.51 -4.48 -0.04
N LEU A 270 -22.23 -4.74 0.19
CA LEU A 270 -21.41 -5.41 -0.83
C LEU A 270 -21.84 -6.87 -1.02
N MET A 271 -22.10 -7.57 0.08
CA MET A 271 -22.54 -8.98 0.02
C MET A 271 -23.90 -9.14 -0.68
N THR A 272 -24.77 -8.14 -0.53
CA THR A 272 -26.06 -8.14 -1.21
C THR A 272 -25.86 -8.08 -2.72
N HIS A 273 -24.82 -7.37 -3.15
CA HIS A 273 -24.52 -7.27 -4.58
C HIS A 273 -23.51 -8.31 -5.06
N GLU A 274 -23.41 -9.41 -4.32
CA GLU A 274 -22.59 -10.58 -4.72
C GLU A 274 -21.07 -10.33 -4.73
N VAL A 275 -20.62 -9.39 -3.91
CA VAL A 275 -19.19 -9.24 -3.65
C VAL A 275 -18.79 -10.04 -2.42
N PRO A 276 -17.83 -10.98 -2.55
CA PRO A 276 -17.42 -11.76 -1.38
C PRO A 276 -16.64 -10.93 -0.36
N VAL A 277 -17.07 -10.95 0.90
CA VAL A 277 -16.41 -10.22 1.98
C VAL A 277 -16.06 -11.15 3.14
N TYR A 278 -14.88 -10.96 3.74
CA TYR A 278 -14.47 -11.70 4.93
C TYR A 278 -14.14 -10.75 6.08
N ARG A 279 -14.14 -11.25 7.32
CA ARG A 279 -13.83 -10.40 8.47
C ARG A 279 -12.82 -11.10 9.39
N THR A 280 -12.24 -10.33 10.30
CA THR A 280 -11.51 -10.90 11.44
C THR A 280 -11.43 -9.85 12.54
N ASN A 281 -11.22 -10.29 13.78
CA ASN A 281 -10.75 -9.41 14.86
C ASN A 281 -9.27 -9.69 15.07
N GLN A 282 -8.46 -8.67 14.90
CA GLN A 282 -7.02 -8.78 15.11
C GLN A 282 -6.73 -8.37 16.54
N CYS A 283 -6.16 -9.29 17.35
CA CYS A 283 -5.77 -8.93 18.72
C CYS A 283 -4.29 -8.65 18.83
N ALA A 284 -3.88 -8.12 19.99
CA ALA A 284 -2.51 -7.71 20.22
C ALA A 284 -1.54 -8.88 20.04
N GLY A 285 -0.40 -8.63 19.40
CA GLY A 285 0.54 -9.69 19.02
C GLY A 285 0.18 -10.44 17.76
N GLU A 286 -0.85 -10.02 17.03
CA GLU A 286 -1.19 -10.72 15.78
C GLU A 286 -0.92 -9.86 14.52
N PHE A 287 -0.67 -10.55 13.40
CA PHE A 287 -0.43 -9.92 12.10
C PHE A 287 -1.65 -10.12 11.22
N VAL A 288 -2.01 -9.08 10.48
CA VAL A 288 -2.87 -9.22 9.31
C VAL A 288 -2.07 -8.93 8.03
N ILE A 289 -2.30 -9.74 7.00
CA ILE A 289 -1.63 -9.54 5.72
C ILE A 289 -2.65 -9.26 4.63
N THR A 290 -2.45 -8.20 3.83
CA THR A 290 -3.32 -7.99 2.66
C THR A 290 -2.61 -8.31 1.34
N PHE A 291 -3.36 -8.90 0.41
CA PHE A 291 -2.79 -9.35 -0.87
C PHE A 291 -3.04 -8.36 -2.01
N PRO A 292 -2.26 -8.47 -3.12
CA PRO A 292 -2.38 -7.48 -4.21
C PRO A 292 -3.79 -7.23 -4.71
N ARG A 293 -4.17 -5.94 -4.73
CA ARG A 293 -5.49 -5.47 -5.18
C ARG A 293 -6.68 -5.99 -4.33
N ALA A 294 -6.39 -6.42 -3.10
CA ALA A 294 -7.46 -6.83 -2.17
C ALA A 294 -8.01 -5.62 -1.40
N TYR A 295 -9.26 -5.24 -1.64
CA TYR A 295 -9.86 -4.13 -0.88
C TYR A 295 -10.00 -4.48 0.61
N HIS A 296 -9.75 -3.50 1.48
CA HIS A 296 -9.97 -3.69 2.91
C HIS A 296 -10.38 -2.39 3.60
N SER A 297 -11.03 -2.54 4.75
CA SER A 297 -11.44 -1.44 5.67
C SER A 297 -11.61 -1.98 7.10
N GLY A 298 -11.84 -1.10 8.05
CA GLY A 298 -12.02 -1.54 9.42
C GLY A 298 -12.11 -0.44 10.46
N PHE A 299 -12.11 -0.82 11.74
CA PHE A 299 -12.21 0.16 12.82
C PHE A 299 -11.58 -0.43 14.09
N ASN A 300 -11.20 0.46 14.99
CA ASN A 300 -10.62 0.07 16.26
C ASN A 300 -11.69 -0.08 17.36
N GLN A 301 -11.54 -1.11 18.18
CA GLN A 301 -12.46 -1.37 19.29
C GLN A 301 -12.22 -0.45 20.47
N GLY A 302 -11.00 0.07 20.57
CA GLY A 302 -10.65 0.90 21.71
C GLY A 302 -9.24 1.41 21.50
N PHE A 303 -8.65 1.94 22.56
CA PHE A 303 -7.28 2.46 22.57
C PHE A 303 -6.28 1.38 22.11
N ASN A 304 -5.57 1.61 21.01
CA ASN A 304 -4.55 0.65 20.61
C ASN A 304 -3.39 1.28 19.78
N PHE A 305 -2.40 0.47 19.42
CA PHE A 305 -1.22 0.94 18.69
C PHE A 305 -0.75 -0.11 17.66
N ALA A 306 -0.77 0.27 16.39
CA ALA A 306 -0.45 -0.66 15.32
C ALA A 306 0.63 -0.06 14.43
N GLU A 307 1.24 -0.93 13.62
CA GLU A 307 2.34 -0.56 12.75
C GLU A 307 2.22 -1.38 11.48
N ALA A 308 2.32 -0.73 10.33
CA ALA A 308 2.05 -1.38 9.06
C ALA A 308 3.05 -0.96 7.97
N VAL A 309 3.29 -1.85 7.00
CA VAL A 309 4.21 -1.53 5.90
C VAL A 309 3.81 -2.24 4.60
N ASN A 310 4.05 -1.56 3.48
CA ASN A 310 3.89 -2.17 2.14
C ASN A 310 5.06 -3.06 1.76
N PHE A 311 4.83 -4.05 0.91
CA PHE A 311 5.96 -4.80 0.32
C PHE A 311 5.56 -5.52 -0.95
N CYS A 312 6.56 -5.98 -1.70
CA CYS A 312 6.34 -6.59 -2.99
C CYS A 312 7.25 -7.80 -3.21
N THR A 313 6.66 -8.96 -3.42
CA THR A 313 7.41 -10.18 -3.71
C THR A 313 7.57 -10.33 -5.23
N VAL A 314 8.27 -11.38 -5.66
CA VAL A 314 8.46 -11.65 -7.08
C VAL A 314 7.15 -12.03 -7.75
N ASP A 315 6.28 -12.68 -6.99
CA ASP A 315 4.92 -12.99 -7.42
C ASP A 315 4.17 -11.75 -7.93
N TRP A 316 4.44 -10.61 -7.31
CA TRP A 316 3.68 -9.40 -7.55
C TRP A 316 4.07 -8.73 -8.88
N LEU A 317 5.29 -8.99 -9.38
CA LEU A 317 5.84 -8.24 -10.53
C LEU A 317 4.86 -8.10 -11.74
N PRO A 318 4.24 -9.19 -12.19
CA PRO A 318 3.26 -9.03 -13.29
C PRO A 318 2.09 -8.11 -12.94
N LEU A 319 1.58 -8.22 -11.71
CA LEU A 319 0.47 -7.37 -11.28
C LEU A 319 0.87 -5.91 -11.22
N GLY A 320 2.11 -5.66 -10.79
CA GLY A 320 2.63 -4.31 -10.77
C GLY A 320 2.67 -3.61 -12.14
N ARG A 321 2.92 -4.39 -13.19
CA ARG A 321 2.88 -3.88 -14.57
C ARG A 321 1.43 -3.62 -15.00
N GLN A 322 0.55 -4.56 -14.70
N GLN A 322 0.53 -4.57 -14.72
CA GLN A 322 -0.87 -4.41 -15.03
CA GLN A 322 -0.88 -4.38 -15.03
C GLN A 322 -1.47 -3.20 -14.28
C GLN A 322 -1.43 -3.15 -14.31
N CYS A 323 -1.00 -2.96 -13.07
CA CYS A 323 -1.45 -1.79 -12.30
C CYS A 323 -1.08 -0.45 -12.95
N VAL A 324 0.18 -0.32 -13.39
CA VAL A 324 0.61 0.91 -14.05
C VAL A 324 -0.17 1.17 -15.34
N GLU A 325 -0.43 0.10 -16.09
CA GLU A 325 -1.32 0.16 -17.24
C GLU A 325 -2.72 0.68 -16.84
N HIS A 326 -3.26 0.13 -15.75
CA HIS A 326 -4.55 0.56 -15.24
C HIS A 326 -4.56 2.02 -14.79
N TYR A 327 -3.47 2.48 -14.13
CA TYR A 327 -3.33 3.91 -13.77
C TYR A 327 -3.37 4.82 -15.01
N ARG A 328 -2.79 4.34 -16.11
CA ARG A 328 -2.72 5.14 -17.34
C ARG A 328 -4.14 5.36 -17.89
N LEU A 329 -4.91 4.28 -18.03
CA LEU A 329 -6.32 4.37 -18.46
C LEU A 329 -7.11 5.36 -17.60
N LEU A 330 -6.83 5.38 -16.30
CA LEU A 330 -7.54 6.25 -15.36
C LEU A 330 -6.92 7.62 -15.18
N HIS A 331 -5.81 7.89 -15.87
CA HIS A 331 -5.07 9.15 -15.66
C HIS A 331 -4.68 9.38 -14.19
N ARG A 332 -4.24 8.33 -13.50
CA ARG A 332 -3.87 8.45 -12.09
C ARG A 332 -2.33 8.53 -11.91
N TYR A 333 -1.87 9.36 -10.97
CA TYR A 333 -0.43 9.48 -10.71
C TYR A 333 0.20 8.20 -10.16
N CYS A 334 1.44 7.92 -10.57
CA CYS A 334 2.21 6.79 -10.04
C CYS A 334 3.05 7.24 -8.86
N VAL A 335 3.40 6.31 -7.99
CA VAL A 335 4.31 6.61 -6.89
C VAL A 335 5.77 6.48 -7.35
N PHE A 336 6.04 5.52 -8.24
CA PHE A 336 7.36 5.33 -8.81
C PHE A 336 7.24 4.76 -10.23
N SER A 337 8.35 4.77 -10.97
CA SER A 337 8.38 4.09 -12.28
C SER A 337 8.69 2.61 -12.12
N HIS A 338 7.75 1.76 -12.52
CA HIS A 338 7.93 0.31 -12.54
C HIS A 338 9.09 -0.12 -13.47
N ASP A 339 9.15 0.45 -14.67
CA ASP A 339 10.23 0.13 -15.63
C ASP A 339 11.62 0.51 -15.09
N GLU A 340 11.69 1.67 -14.45
CA GLU A 340 12.92 2.10 -13.83
C GLU A 340 13.38 1.10 -12.77
N MET A 341 12.44 0.57 -12.01
CA MET A 341 12.76 -0.40 -10.97
C MET A 341 13.33 -1.68 -11.59
N ILE A 342 12.70 -2.15 -12.67
CA ILE A 342 13.16 -3.33 -13.39
C ILE A 342 14.59 -3.16 -13.92
N CYS A 343 14.85 -2.03 -14.56
CA CYS A 343 16.18 -1.78 -15.14
C CYS A 343 17.23 -1.61 -14.05
N LYS A 344 16.83 -1.09 -12.89
CA LYS A 344 17.76 -0.95 -11.77
C LYS A 344 18.19 -2.33 -11.27
N MET A 345 17.24 -3.25 -11.20
CA MET A 345 17.58 -4.59 -10.79
C MET A 345 18.45 -5.31 -11.85
N ALA A 346 18.10 -5.16 -13.12
CA ALA A 346 18.89 -5.73 -14.21
C ALA A 346 20.34 -5.24 -14.16
N SER A 347 20.52 -3.96 -13.87
CA SER A 347 21.86 -3.38 -13.75
C SER A 347 22.62 -3.89 -12.54
N LYS A 348 21.95 -4.60 -11.63
CA LYS A 348 22.63 -5.20 -10.48
C LYS A 348 22.51 -6.73 -10.51
N ALA A 349 22.39 -7.30 -11.71
CA ALA A 349 22.06 -8.72 -11.86
C ALA A 349 23.01 -9.67 -11.13
N ASP A 350 24.30 -9.32 -11.06
CA ASP A 350 25.31 -10.18 -10.45
C ASP A 350 25.10 -10.42 -8.94
N VAL A 351 24.49 -9.46 -8.24
CA VAL A 351 24.25 -9.60 -6.79
C VAL A 351 22.80 -9.93 -6.44
N LEU A 352 21.97 -10.22 -7.44
CA LEU A 352 20.57 -10.56 -7.21
C LEU A 352 20.40 -12.00 -6.77
N ASP A 353 19.43 -12.22 -5.89
CA ASP A 353 18.92 -13.56 -5.61
C ASP A 353 18.52 -14.21 -6.95
N VAL A 354 18.79 -15.51 -7.11
CA VAL A 354 18.58 -16.13 -8.41
C VAL A 354 17.11 -16.35 -8.80
N VAL A 355 16.22 -16.53 -7.82
CA VAL A 355 14.80 -16.65 -8.13
C VAL A 355 14.27 -15.27 -8.54
N VAL A 356 14.71 -14.24 -7.83
CA VAL A 356 14.43 -12.87 -8.20
C VAL A 356 14.87 -12.60 -9.64
N ALA A 357 16.13 -12.91 -9.94
CA ALA A 357 16.69 -12.74 -11.28
C ALA A 357 15.85 -13.41 -12.36
N SER A 358 15.41 -14.63 -12.11
CA SER A 358 14.56 -15.32 -13.07
C SER A 358 13.22 -14.61 -13.34
N THR A 359 12.60 -14.10 -12.30
CA THR A 359 11.26 -13.50 -12.44
C THR A 359 11.36 -12.08 -13.04
N VAL A 360 12.41 -11.34 -12.68
CA VAL A 360 12.67 -10.06 -13.30
C VAL A 360 12.91 -10.20 -14.80
N GLN A 361 13.68 -11.23 -15.17
CA GLN A 361 13.95 -11.49 -16.58
C GLN A 361 12.67 -11.62 -17.43
N LYS A 362 11.67 -12.32 -16.89
CA LYS A 362 10.43 -12.53 -17.62
C LYS A 362 9.66 -11.21 -17.82
N ASP A 363 9.66 -10.35 -16.80
CA ASP A 363 8.98 -9.06 -16.89
C ASP A 363 9.72 -8.13 -17.85
N MET A 364 11.04 -8.19 -17.80
CA MET A 364 11.86 -7.37 -18.68
C MET A 364 11.60 -7.73 -20.15
N ALA A 365 11.43 -9.01 -20.41
CA ALA A 365 11.17 -9.47 -21.78
C ALA A 365 9.87 -8.89 -22.32
N ILE A 366 8.85 -8.80 -21.47
CA ILE A 366 7.58 -8.20 -21.87
C ILE A 366 7.77 -6.70 -22.11
N MET A 367 8.47 -6.04 -21.19
CA MET A 367 8.77 -4.61 -21.29
C MET A 367 9.45 -4.28 -22.63
N ILE A 368 10.45 -5.07 -23.00
CA ILE A 368 11.23 -4.80 -24.18
C ILE A 368 10.38 -4.98 -25.44
N GLU A 369 9.65 -6.09 -25.50
CA GLU A 369 8.78 -6.30 -26.63
C GLU A 369 7.69 -5.23 -26.77
N ASP A 370 7.07 -4.81 -25.67
CA ASP A 370 6.12 -3.69 -25.73
C ASP A 370 6.79 -2.39 -26.21
N GLU A 371 8.02 -2.13 -25.76
CA GLU A 371 8.71 -0.89 -26.10
C GLU A 371 9.10 -0.86 -27.58
N LYS A 372 9.47 -2.01 -28.11
CA LYS A 372 9.75 -2.16 -29.55
C LYS A 372 8.53 -1.74 -30.39
N ALA A 373 7.37 -2.32 -30.09
CA ALA A 373 6.14 -2.01 -30.83
C ALA A 373 5.77 -0.52 -30.76
N LEU A 374 5.90 0.08 -29.58
CA LEU A 374 5.58 1.49 -29.38
C LEU A 374 6.50 2.42 -30.19
N ARG A 375 7.80 2.11 -30.24
CA ARG A 375 8.75 2.95 -30.97
C ARG A 375 8.49 2.86 -32.48
N GLU A 376 8.17 1.67 -32.97
CA GLU A 376 7.75 1.49 -34.36
C GLU A 376 6.51 2.32 -34.71
N THR A 377 5.53 2.33 -33.81
CA THR A 377 4.34 3.14 -34.03
C THR A 377 4.61 4.65 -34.11
N VAL A 378 5.46 5.20 -33.24
CA VAL A 378 5.68 6.65 -33.29
C VAL A 378 6.60 7.03 -34.45
N ARG A 379 7.46 6.12 -34.87
CA ARG A 379 8.25 6.35 -36.10
C ARG A 379 7.30 6.50 -37.32
N LYS A 380 6.22 5.72 -37.36
CA LYS A 380 5.28 5.79 -38.49
C LYS A 380 4.34 6.97 -38.38
N LEU A 381 4.43 7.71 -37.29
CA LEU A 381 3.63 8.92 -37.13
C LEU A 381 4.46 10.12 -37.55
N GLY A 382 5.73 9.86 -37.86
CA GLY A 382 6.57 10.89 -38.46
C GLY A 382 7.58 11.50 -37.50
N VAL A 383 7.72 10.91 -36.32
CA VAL A 383 8.75 11.32 -35.36
C VAL A 383 10.07 10.68 -35.76
N ILE A 384 11.04 11.51 -36.11
CA ILE A 384 12.28 11.02 -36.69
C ILE A 384 13.51 11.32 -35.84
N ASP A 385 13.62 12.56 -35.39
CA ASP A 385 14.74 12.93 -34.54
C ASP A 385 14.67 12.19 -33.19
N SER A 386 15.82 11.92 -32.58
CA SER A 386 15.83 11.28 -31.28
C SER A 386 17.11 11.59 -30.50
N GLU A 387 17.05 11.45 -29.17
CA GLU A 387 18.22 11.67 -28.31
C GLU A 387 18.08 10.92 -26.97
N ARG A 388 19.19 10.35 -26.48
CA ARG A 388 19.17 9.68 -25.18
C ARG A 388 18.86 10.67 -24.06
N MET A 389 18.13 10.19 -23.05
CA MET A 389 17.79 11.09 -21.94
C MET A 389 17.74 10.32 -20.63
N ASP A 390 18.44 10.82 -19.61
CA ASP A 390 18.49 10.16 -18.30
C ASP A 390 17.29 10.54 -17.42
N PHE A 391 16.14 9.95 -17.73
CA PHE A 391 14.89 10.24 -17.02
C PHE A 391 14.99 10.17 -15.48
N GLU A 392 15.80 9.25 -14.95
CA GLU A 392 15.86 9.06 -13.50
C GLU A 392 16.45 10.26 -12.76
N LEU A 393 17.09 11.18 -13.49
CA LEU A 393 17.62 12.43 -12.91
C LEU A 393 16.56 13.53 -12.73
N LEU A 394 15.44 13.39 -13.44
CA LEU A 394 14.34 14.36 -13.33
C LEU A 394 13.48 14.10 -12.11
N PRO A 395 13.14 15.17 -11.35
CA PRO A 395 12.08 15.11 -10.35
C PRO A 395 10.81 14.52 -10.98
N ASP A 396 10.06 13.70 -10.25
CA ASP A 396 8.89 13.02 -10.82
C ASP A 396 7.88 13.97 -11.45
N ASP A 397 7.66 15.11 -10.80
CA ASP A 397 6.72 16.10 -11.31
C ASP A 397 7.22 16.73 -12.61
N GLU A 398 8.45 16.41 -13.02
CA GLU A 398 8.95 16.91 -14.29
C GLU A 398 8.95 15.82 -15.39
N ARG A 399 8.47 14.62 -15.09
CA ARG A 399 8.42 13.62 -16.13
C ARG A 399 7.12 12.82 -16.20
N GLN A 400 6.01 13.49 -15.93
CA GLN A 400 4.69 12.89 -16.11
C GLN A 400 4.10 13.23 -17.48
N CYS A 401 3.54 12.23 -18.14
CA CYS A 401 2.80 12.44 -19.39
C CYS A 401 1.68 13.47 -19.20
N VAL A 402 1.72 14.54 -19.99
CA VAL A 402 0.74 15.63 -19.92
C VAL A 402 -0.71 15.13 -19.94
N LYS A 403 -0.95 14.05 -20.68
CA LYS A 403 -2.27 13.48 -20.83
C LYS A 403 -2.64 12.52 -19.71
N CYS A 404 -1.91 11.41 -19.59
CA CYS A 404 -2.33 10.32 -18.70
C CYS A 404 -1.63 10.30 -17.33
N LYS A 405 -0.69 11.23 -17.14
CA LYS A 405 0.07 11.41 -15.88
C LYS A 405 1.06 10.29 -15.50
N THR A 406 1.30 9.34 -16.39
CA THR A 406 2.22 8.27 -16.08
C THR A 406 3.66 8.81 -15.93
N THR A 407 4.44 8.20 -15.03
CA THR A 407 5.83 8.61 -14.85
C THR A 407 6.69 8.00 -15.98
N CYS A 408 7.28 8.85 -16.81
CA CYS A 408 8.08 8.33 -17.94
C CYS A 408 9.45 7.81 -17.50
N PHE A 409 9.93 6.74 -18.15
CA PHE A 409 11.31 6.29 -17.94
C PHE A 409 11.94 5.69 -19.20
N MET A 410 11.27 4.72 -19.82
CA MET A 410 11.81 4.09 -21.03
C MET A 410 11.90 5.10 -22.18
N SER A 411 10.87 5.92 -22.35
CA SER A 411 10.80 6.91 -23.45
C SER A 411 9.66 7.93 -23.33
N ALA A 412 9.80 9.02 -24.05
CA ALA A 412 8.83 10.10 -24.09
C ALA A 412 9.02 10.94 -25.36
N ILE A 413 7.99 11.71 -25.71
CA ILE A 413 8.07 12.65 -26.82
C ILE A 413 8.10 14.08 -26.31
N SER A 414 9.02 14.89 -26.84
CA SER A 414 9.11 16.31 -26.50
C SER A 414 9.02 17.17 -27.76
N CYS A 415 8.85 18.48 -27.56
CA CYS A 415 8.85 19.45 -28.65
C CYS A 415 9.39 20.81 -28.18
N SER A 416 10.27 21.42 -28.97
CA SER A 416 10.84 22.74 -28.65
C SER A 416 9.78 23.81 -28.42
N CYS A 417 8.62 23.64 -29.06
CA CYS A 417 7.46 24.48 -28.81
C CYS A 417 6.97 24.55 -27.34
N LYS A 418 6.85 23.39 -26.68
CA LYS A 418 6.40 23.36 -25.29
C LYS A 418 7.55 22.91 -24.39
N PRO A 419 8.47 23.83 -24.07
CA PRO A 419 9.69 23.43 -23.34
C PRO A 419 9.36 22.79 -22.01
N GLY A 420 9.96 21.64 -21.74
CA GLY A 420 9.73 20.97 -20.47
C GLY A 420 8.55 20.01 -20.40
N LEU A 421 7.66 20.03 -21.40
CA LEU A 421 6.52 19.11 -21.39
C LEU A 421 6.82 17.77 -22.08
N LEU A 422 6.22 16.70 -21.57
CA LEU A 422 6.37 15.36 -22.13
C LEU A 422 5.05 14.64 -22.31
N VAL A 423 5.00 13.73 -23.28
CA VAL A 423 3.93 12.75 -23.32
C VAL A 423 4.57 11.38 -23.46
N CYS A 424 3.92 10.36 -22.93
CA CYS A 424 4.35 8.97 -23.13
C CYS A 424 4.04 8.58 -24.59
N LEU A 425 4.51 7.42 -25.03
CA LEU A 425 4.36 7.06 -26.44
C LEU A 425 2.92 6.67 -26.85
N HIS A 426 2.02 6.53 -25.87
CA HIS A 426 0.59 6.31 -26.15
C HIS A 426 -0.13 7.60 -26.53
N HIS A 427 0.45 8.73 -26.14
CA HIS A 427 -0.24 10.01 -26.29
C HIS A 427 0.54 11.05 -27.09
N VAL A 428 1.22 10.58 -28.13
CA VAL A 428 1.97 11.44 -29.04
C VAL A 428 1.11 12.57 -29.65
N LYS A 429 -0.18 12.33 -29.88
CA LYS A 429 -1.05 13.38 -30.45
C LYS A 429 -1.51 14.45 -29.45
N GLU A 430 -1.10 14.34 -28.18
CA GLU A 430 -1.65 15.20 -27.14
C GLU A 430 -0.69 16.25 -26.62
N LEU A 431 0.46 16.40 -27.28
CA LEU A 431 1.49 17.31 -26.80
C LEU A 431 1.28 18.75 -27.28
N CYS A 432 1.02 18.93 -28.57
CA CYS A 432 0.85 20.27 -29.17
C CYS A 432 0.39 20.17 -30.64
N SER A 433 0.37 21.30 -31.33
CA SER A 433 -0.19 21.37 -32.68
C SER A 433 0.86 21.38 -33.81
N CYS A 434 2.15 21.31 -33.46
CA CYS A 434 3.22 21.27 -34.46
C CYS A 434 3.20 19.95 -35.24
N PRO A 435 3.75 19.96 -36.47
CA PRO A 435 3.92 18.70 -37.20
C PRO A 435 4.97 17.79 -36.57
N PRO A 436 4.76 16.47 -36.62
CA PRO A 436 5.61 15.44 -36.02
C PRO A 436 7.11 15.61 -36.24
N TYR A 437 7.54 16.17 -37.36
CA TYR A 437 8.98 16.25 -37.62
C TYR A 437 9.67 17.23 -36.67
N LYS A 438 8.89 18.09 -36.01
CA LYS A 438 9.45 18.96 -34.98
C LYS A 438 9.59 18.26 -33.62
N TYR A 439 9.12 17.02 -33.52
CA TYR A 439 9.15 16.28 -32.26
C TYR A 439 10.46 15.52 -32.12
N LYS A 440 10.77 15.13 -30.89
CA LYS A 440 11.96 14.34 -30.64
C LYS A 440 11.59 13.15 -29.75
N LEU A 441 12.05 11.95 -30.12
CA LEU A 441 11.92 10.83 -29.22
C LEU A 441 13.05 10.85 -28.18
N ARG A 442 12.71 10.98 -26.90
CA ARG A 442 13.71 10.91 -25.83
C ARG A 442 13.67 9.50 -25.22
N TYR A 443 14.83 8.83 -25.18
CA TYR A 443 14.86 7.40 -24.79
C TYR A 443 15.96 7.14 -23.76
N ARG A 444 15.74 6.21 -22.82
CA ARG A 444 16.78 5.92 -21.84
C ARG A 444 17.82 4.93 -22.40
N TYR A 445 17.34 3.94 -23.14
CA TYR A 445 18.19 2.87 -23.67
C TYR A 445 17.83 2.56 -25.11
N THR A 446 18.82 2.18 -25.93
CA THR A 446 18.55 1.59 -27.24
C THR A 446 18.19 0.11 -27.01
N LEU A 447 17.46 -0.50 -27.95
CA LEU A 447 17.21 -1.94 -27.87
C LEU A 447 18.52 -2.72 -27.72
N ASP A 448 19.57 -2.27 -28.39
CA ASP A 448 20.90 -2.87 -28.25
C ASP A 448 21.51 -2.74 -26.86
N ASP A 449 21.14 -1.71 -26.08
CA ASP A 449 21.57 -1.66 -24.68
C ASP A 449 20.78 -2.68 -23.84
N LEU A 450 19.51 -2.86 -24.20
CA LEU A 450 18.58 -3.60 -23.35
C LEU A 450 18.75 -5.13 -23.39
N TYR A 451 19.00 -5.69 -24.58
CA TYR A 451 19.15 -7.15 -24.70
C TYR A 451 20.33 -7.71 -23.88
N PRO A 452 21.47 -7.02 -23.83
CA PRO A 452 22.50 -7.52 -22.90
C PRO A 452 22.14 -7.40 -21.40
N MET A 453 21.30 -6.44 -21.02
CA MET A 453 20.89 -6.30 -19.61
C MET A 453 20.03 -7.51 -19.25
N MET A 454 19.14 -7.88 -20.15
CA MET A 454 18.30 -9.04 -19.92
C MET A 454 19.13 -10.34 -19.89
N ASN A 455 20.13 -10.42 -20.77
N ASN A 455 20.15 -10.41 -20.75
CA ASN A 455 21.03 -11.57 -20.81
CA ASN A 455 21.00 -11.58 -20.82
C ASN A 455 21.78 -11.81 -19.51
C ASN A 455 21.82 -11.80 -19.54
N ALA A 456 22.16 -10.72 -18.84
CA ALA A 456 22.84 -10.83 -17.56
C ALA A 456 21.93 -11.51 -16.53
N LEU A 457 20.64 -11.17 -16.56
CA LEU A 457 19.65 -11.78 -15.66
C LEU A 457 19.54 -13.27 -15.94
N LYS A 458 19.48 -13.63 -17.22
CA LYS A 458 19.38 -15.01 -17.65
C LYS A 458 20.56 -15.84 -17.14
N LEU A 459 21.78 -15.29 -17.24
CA LEU A 459 22.98 -15.97 -16.73
C LEU A 459 22.95 -16.16 -15.21
N ARG A 460 22.52 -15.13 -14.48
CA ARG A 460 22.45 -15.21 -13.03
C ARG A 460 21.40 -16.25 -12.58
N ALA A 461 20.32 -16.37 -13.33
CA ALA A 461 19.28 -17.33 -13.04
C ALA A 461 19.67 -18.75 -13.47
N GLU A 462 20.58 -18.82 -14.44
CA GLU A 462 21.06 -20.08 -15.05
C GLU A 462 19.96 -20.78 -15.82
ZN ZN B . 0.46 9.17 -21.60
ZN ZN C . 5.12 22.10 -30.60
S DMS D . 0.71 1.34 5.35
O DMS D . -0.67 1.30 5.97
C1 DMS D . 0.65 2.48 3.92
C2 DMS D . 0.95 -0.25 4.53
S DMS E . -9.57 7.58 6.31
O DMS E . -9.22 6.21 5.84
C1 DMS E . -8.41 8.80 5.63
C2 DMS E . -9.17 7.72 8.07
S DMS F . 19.07 2.87 -13.93
O DMS F . 18.98 4.30 -14.36
C1 DMS F . 17.46 2.39 -13.23
C2 DMS F . 20.16 2.76 -12.48
S DMS G . -6.53 1.95 -8.46
O DMS G . -6.46 0.78 -9.40
C1 DMS G . -8.10 1.97 -7.52
C2 DMS G . -6.85 3.46 -9.41
MN MN H . -4.13 -0.69 3.69
P PO4 I . -7.15 8.15 -23.32
O1 PO4 I . -8.51 7.94 -23.97
O2 PO4 I . -6.09 7.44 -24.13
O3 PO4 I . -6.88 9.64 -23.27
O4 PO4 I . -7.16 7.61 -21.90
C1 EDO J . 7.21 5.14 -20.29
O1 EDO J . 8.29 6.10 -20.35
C2 EDO J . 7.68 3.70 -20.07
O2 EDO J . 8.61 3.58 -18.96
C1 EDO K . 0.91 8.89 15.12
O1 EDO K . 0.33 7.59 15.20
C2 EDO K . 2.42 8.73 14.91
O2 EDO K . 3.05 10.01 15.01
C1 EDO L . 15.45 5.28 -31.42
O1 EDO L . 15.02 4.07 -30.78
C2 EDO L . 16.92 5.51 -31.07
O2 EDO L . 17.45 4.25 -30.62
C1 EDO M . 5.94 0.54 -21.10
O1 EDO M . 6.53 -0.34 -20.13
C2 EDO M . 6.26 -0.04 -22.47
O2 EDO M . 7.57 -0.63 -22.39
C1 EDO N . -5.86 -9.27 -9.08
O1 EDO N . -6.53 -10.54 -9.15
C2 EDO N . -5.81 -8.59 -10.46
O2 EDO N . -7.10 -8.00 -10.72
C1 EDO O . 12.64 7.87 -33.58
O1 EDO O . 11.34 7.67 -34.14
C2 EDO O . 13.68 7.14 -34.43
O2 EDO O . 13.76 7.80 -35.70
C1 EDO P . -6.93 4.19 4.32
O1 EDO P . -8.17 4.67 3.78
C2 EDO P . -5.79 4.65 3.41
O2 EDO P . -5.80 6.09 3.35
CL CL Q . -23.69 9.38 11.31
C WGT R . -7.68 4.95 12.85
N WGT R . -4.71 0.07 11.12
O WGT R . -5.62 4.06 11.96
S WGT R . -4.44 0.69 8.54
C1 WGT R . -6.24 4.59 13.17
O1 WGT R . -6.27 2.00 12.51
S1 WGT R . -5.21 5.24 7.34
C2 WGT R . -5.79 2.76 11.71
C3 WGT R . -5.30 2.33 10.36
C4 WGT R . -5.22 3.09 9.06
C5 WGT R . -4.78 2.28 8.04
C6 WGT R . -4.87 1.02 10.19
C7 WGT R . -5.58 4.50 8.85
C8 WGT R . -6.12 5.41 9.73
C9 WGT R . -6.23 6.68 9.17
C10 WGT R . -5.79 6.74 7.90
C1 EDO S . 27.98 7.15 -25.97
O1 EDO S . 27.04 7.85 -26.79
C2 EDO S . 27.57 7.20 -24.50
O2 EDO S . 26.17 6.88 -24.37
#